data_4KZE
#
_entry.id   4KZE
#
_cell.length_a   146.941
_cell.length_b   80.104
_cell.length_c   94.519
_cell.angle_alpha   90.00
_cell.angle_beta   111.86
_cell.angle_gamma   90.00
#
_symmetry.space_group_name_H-M   'C 1 2 1'
#
loop_
_entity.id
_entity.type
_entity.pdbx_description
1 polymer 'BL3-6 Fab antibody, heavy chain'
2 polymer 'BL3-6 Fab antibody, light chain'
3 polymer 'RNA (84-MER)'
4 non-polymer 'POTASSIUM ION'
5 non-polymer 'MAGNESIUM ION'
6 water water
#
loop_
_entity_poly.entity_id
_entity_poly.type
_entity_poly.pdbx_seq_one_letter_code
_entity_poly.pdbx_strand_id
1 'polypeptide(L)'
;EISEVQLVESGGGLVQPGGSLRLSCAASGFYISYSSIHWVRQAPGKGLEWVASISPYSGSTYYADSVKGRFTISADTSKN
TAYLQMNSLRAEDTAVYYCARQGYRRRSGRGFDYWGQGTLVTVSSASTKGPSVFPLAPSSKSTSGGTAALGCLVKDYFPE
PVTVSWNSGALTSGVHTFPAVLQSSGLYSLSSVVTVPSSSLGTQTYICNVNHKPSNTKVDKKVEPKSCDKTH
;
H
2 'polypeptide(L)'
;SDIQMTQSPSSLSASVGDRVTITCRASQSVSSAVAWYQQKPGKAPKLLIYSASSLYSGVPSRFSGSRSGTDFTLTISSLQ
PEDFATYYCQQSYSFPSTFGQGTKVEIKRTVAAPSVFIFPPSDEQLKSGTASVVCLLNNFYPREAKVQWKVDNALQSGNS
QESVTEQDSKDSTYSLSSTLTLSKADYEKHKVYACEVTHQGLSSPVTKSFNRGEC
;
L
3 'polyribonucleotide'
;(GTP)GACGCGACCGAAAUGGUGAAGGACGGGUCCAGUGCGAAACACGCACUGUUGAGUAGAGUGUGAGCUCCGUAACUG
GUCGCGUC
;
R
#
# COMPACT_ATOMS: atom_id res chain seq x y z
N GLU A 4 15.80 -20.40 9.90
CA GLU A 4 15.41 -21.08 11.13
C GLU A 4 14.15 -20.47 11.75
N VAL A 5 14.27 -19.29 12.35
CA VAL A 5 13.12 -18.70 13.04
C VAL A 5 12.09 -18.13 12.09
N GLN A 6 10.84 -18.53 12.30
CA GLN A 6 9.78 -18.11 11.41
C GLN A 6 8.43 -18.04 12.15
N LEU A 7 7.54 -17.20 11.63
CA LEU A 7 6.20 -17.03 12.20
C LEU A 7 5.20 -16.99 11.05
N VAL A 8 4.18 -17.85 11.08
CA VAL A 8 3.19 -17.83 10.02
C VAL A 8 1.78 -17.55 10.55
N GLU A 9 1.26 -16.36 10.27
CA GLU A 9 -0.12 -16.13 10.64
C GLU A 9 -1.09 -16.68 9.60
N SER A 10 -2.24 -17.16 10.09
CA SER A 10 -3.32 -17.65 9.23
C SER A 10 -4.64 -17.31 9.90
N GLY A 11 -5.75 -17.52 9.18
CA GLY A 11 -7.06 -17.23 9.73
C GLY A 11 -7.68 -15.94 9.22
N GLY A 12 -6.94 -15.19 8.42
CA GLY A 12 -7.44 -13.90 7.95
C GLY A 12 -8.57 -14.08 6.96
N GLY A 13 -9.27 -13.00 6.64
CA GLY A 13 -10.35 -13.09 5.68
C GLY A 13 -11.41 -12.02 5.87
N LEU A 14 -12.56 -12.20 5.22
CA LEU A 14 -13.63 -11.21 5.24
C LEU A 14 -14.63 -11.56 6.33
N VAL A 15 -15.07 -10.56 7.10
CA VAL A 15 -16.05 -10.76 8.16
C VAL A 15 -16.98 -9.53 8.32
N GLN A 16 -18.27 -9.79 8.55
CA GLN A 16 -19.24 -8.72 8.75
C GLN A 16 -18.94 -7.98 10.05
N PRO A 17 -19.28 -6.68 10.09
CA PRO A 17 -19.19 -5.85 11.29
C PRO A 17 -19.95 -6.49 12.45
N GLY A 18 -19.35 -6.54 13.64
CA GLY A 18 -19.96 -7.24 14.75
C GLY A 18 -19.62 -8.72 14.76
N GLY A 19 -19.09 -9.22 13.65
CA GLY A 19 -18.66 -10.60 13.59
C GLY A 19 -17.40 -10.91 14.40
N SER A 20 -16.92 -12.14 14.26
CA SER A 20 -15.77 -12.62 15.01
C SER A 20 -14.82 -13.35 14.08
N LEU A 21 -13.57 -13.46 14.49
CA LEU A 21 -12.53 -14.07 13.67
C LEU A 21 -11.36 -14.43 14.57
N ARG A 22 -10.84 -15.66 14.47
CA ARG A 22 -9.64 -15.97 15.23
C ARG A 22 -8.43 -16.14 14.33
N LEU A 23 -7.40 -15.34 14.60
CA LEU A 23 -6.15 -15.48 13.88
C LEU A 23 -5.21 -16.38 14.65
N SER A 24 -4.37 -17.10 13.93
CA SER A 24 -3.35 -17.87 14.58
C SER A 24 -1.97 -17.49 14.06
N CYS A 25 -0.97 -17.73 14.89
CA CYS A 25 0.41 -17.35 14.65
C CYS A 25 1.25 -18.59 14.95
N ALA A 26 1.60 -19.34 13.92
CA ALA A 26 2.41 -20.55 14.11
C ALA A 26 3.89 -20.25 14.17
N ALA A 27 4.52 -20.48 15.32
CA ALA A 27 5.98 -20.34 15.43
C ALA A 27 6.70 -21.55 14.90
N SER A 28 7.89 -21.33 14.35
CA SER A 28 8.82 -22.42 14.12
C SER A 28 10.26 -21.95 14.34
N GLY A 29 11.14 -22.84 14.79
CA GLY A 29 12.54 -22.49 15.00
C GLY A 29 12.85 -21.97 16.39
N PHE A 30 11.81 -21.79 17.19
CA PHE A 30 11.92 -21.38 18.59
C PHE A 30 10.64 -21.81 19.31
N TYR A 31 10.64 -21.73 20.64
CA TYR A 31 9.49 -22.18 21.42
C TYR A 31 8.90 -20.95 22.09
N ILE A 32 7.60 -20.72 21.89
CA ILE A 32 6.99 -19.43 22.29
C ILE A 32 6.99 -19.24 23.79
N SER A 33 7.18 -20.33 24.53
CA SER A 33 7.09 -20.35 25.98
C SER A 33 8.15 -19.47 26.66
N TYR A 34 9.24 -19.20 25.94
CA TYR A 34 10.38 -18.46 26.47
C TYR A 34 10.40 -17.01 26.01
N SER A 35 9.37 -16.61 25.25
CA SER A 35 9.32 -15.29 24.63
C SER A 35 7.99 -14.61 24.93
N SER A 36 7.99 -13.27 24.93
CA SER A 36 6.77 -12.50 24.77
C SER A 36 6.35 -12.51 23.30
N ILE A 37 5.06 -12.75 23.04
CA ILE A 37 4.56 -12.69 21.66
C ILE A 37 3.60 -11.51 21.49
N HIS A 38 3.68 -10.82 20.35
CA HIS A 38 2.91 -9.59 20.10
C HIS A 38 2.09 -9.66 18.82
N TRP A 39 1.02 -8.87 18.78
CA TRP A 39 0.25 -8.64 17.57
C TRP A 39 0.24 -7.14 17.29
N VAL A 40 0.59 -6.81 16.04
CA VAL A 40 0.70 -5.45 15.52
C VAL A 40 -0.11 -5.45 14.21
N ARG A 41 -0.86 -4.39 13.92
CA ARG A 41 -1.63 -4.36 12.67
C ARG A 41 -1.34 -3.10 11.87
N GLN A 42 -1.67 -3.16 10.58
CA GLN A 42 -1.42 -2.04 9.67
C GLN A 42 -2.60 -1.90 8.73
N ALA A 43 -3.43 -0.88 8.94
CA ALA A 43 -4.48 -0.58 7.98
C ALA A 43 -3.78 -0.21 6.69
N PRO A 44 -4.40 -0.56 5.54
CA PRO A 44 -3.75 -0.25 4.26
C PRO A 44 -3.42 1.23 4.11
N GLY A 45 -2.20 1.50 3.65
CA GLY A 45 -1.69 2.84 3.49
C GLY A 45 -1.21 3.49 4.77
N LYS A 46 -1.57 2.92 5.93
CA LYS A 46 -1.23 3.51 7.22
C LYS A 46 0.01 2.89 7.85
N GLY A 47 0.28 3.31 9.09
CA GLY A 47 1.43 2.83 9.83
C GLY A 47 1.14 1.65 10.74
N LEU A 48 2.18 1.23 11.46
CA LEU A 48 2.08 0.12 12.40
C LEU A 48 1.32 0.57 13.64
N GLU A 49 0.38 -0.27 14.08
CA GLU A 49 -0.34 -0.03 15.30
C GLU A 49 -0.18 -1.27 16.17
N TRP A 50 0.27 -1.10 17.40
CA TRP A 50 0.38 -2.24 18.31
C TRP A 50 -0.99 -2.60 18.89
N VAL A 51 -1.29 -3.89 18.86
CA VAL A 51 -2.59 -4.43 19.24
C VAL A 51 -2.56 -5.11 20.60
N ALA A 52 -1.75 -6.18 20.72
CA ALA A 52 -1.75 -6.95 21.98
C ALA A 52 -0.48 -7.75 22.25
N SER A 53 -0.28 -8.17 23.49
CA SER A 53 0.85 -9.07 23.75
C SER A 53 0.59 -10.02 24.91
N ILE A 54 1.42 -11.07 24.97
CA ILE A 54 1.35 -12.04 26.06
C ILE A 54 2.78 -12.36 26.56
N SER A 55 2.95 -12.22 27.88
CA SER A 55 4.23 -12.34 28.57
C SER A 55 4.49 -13.77 28.93
N PRO A 56 5.76 -14.20 28.92
CA PRO A 56 6.08 -15.57 29.32
C PRO A 56 6.00 -15.79 30.84
N TYR A 57 5.75 -17.04 31.23
CA TYR A 57 5.82 -17.50 32.63
C TYR A 57 4.65 -17.08 33.51
N SER A 58 4.12 -15.87 33.27
CA SER A 58 2.96 -15.40 34.02
C SER A 58 1.70 -15.44 33.17
N GLY A 59 1.86 -15.45 31.85
CA GLY A 59 0.74 -15.40 30.94
C GLY A 59 0.01 -14.05 30.99
N SER A 60 0.62 -13.03 31.59
CA SER A 60 0.02 -11.69 31.61
C SER A 60 -0.27 -11.23 30.18
N THR A 61 -1.40 -10.60 29.96
CA THR A 61 -1.73 -10.11 28.61
C THR A 61 -1.96 -8.62 28.62
N TYR A 62 -1.62 -7.94 27.53
CA TYR A 62 -1.82 -6.48 27.46
C TYR A 62 -2.49 -6.12 26.13
N TYR A 63 -3.26 -5.03 26.13
CA TYR A 63 -4.06 -4.64 24.95
C TYR A 63 -4.05 -3.14 24.68
N ALA A 64 -4.02 -2.77 23.41
CA ALA A 64 -4.26 -1.37 23.03
C ALA A 64 -5.70 -1.02 23.39
N ASP A 65 -5.91 0.15 24.01
CA ASP A 65 -7.27 0.68 24.25
C ASP A 65 -8.25 0.43 23.10
N SER A 66 -7.84 0.75 21.86
CA SER A 66 -8.74 0.61 20.70
C SER A 66 -9.31 -0.79 20.47
N VAL A 67 -8.74 -1.81 21.12
CA VAL A 67 -9.23 -3.18 20.94
C VAL A 67 -9.56 -3.83 22.26
N LYS A 68 -9.28 -3.14 23.36
CA LYS A 68 -9.49 -3.74 24.67
C LYS A 68 -10.96 -4.14 24.86
N GLY A 69 -11.18 -5.30 25.46
CA GLY A 69 -12.55 -5.78 25.66
C GLY A 69 -13.10 -6.60 24.50
N ARG A 70 -12.56 -6.41 23.31
CA ARG A 70 -13.05 -7.11 22.12
C ARG A 70 -12.10 -8.21 21.69
N PHE A 71 -10.80 -7.98 21.89
CA PHE A 71 -9.75 -8.90 21.44
C PHE A 71 -9.13 -9.67 22.62
N THR A 72 -8.85 -10.96 22.42
CA THR A 72 -8.20 -11.79 23.43
C THR A 72 -6.97 -12.49 22.83
N ILE A 73 -5.79 -12.25 23.38
CA ILE A 73 -4.62 -12.94 22.89
C ILE A 73 -4.40 -14.16 23.76
N SER A 74 -3.89 -15.24 23.17
CA SER A 74 -3.61 -16.45 23.94
C SER A 74 -2.53 -17.30 23.29
N ALA A 75 -2.19 -18.41 23.93
CA ALA A 75 -1.10 -19.27 23.47
C ALA A 75 -1.39 -20.75 23.77
N ASP A 76 -1.12 -21.60 22.77
CA ASP A 76 -1.10 -23.05 22.94
C ASP A 76 0.34 -23.54 22.68
N THR A 77 1.08 -23.71 23.78
CA THR A 77 2.45 -24.16 23.69
C THR A 77 2.54 -25.50 22.98
N SER A 78 1.56 -26.38 23.18
CA SER A 78 1.65 -27.72 22.58
C SER A 78 1.53 -27.70 21.06
N LYS A 79 1.06 -26.60 20.50
CA LYS A 79 1.05 -26.46 19.05
C LYS A 79 2.06 -25.40 18.65
N ASN A 80 2.74 -24.87 19.67
CA ASN A 80 3.68 -23.77 19.51
C ASN A 80 3.03 -22.64 18.72
N THR A 81 1.77 -22.32 19.06
CA THR A 81 1.00 -21.34 18.30
C THR A 81 0.36 -20.29 19.21
N ALA A 82 0.27 -19.04 18.75
CA ALA A 82 -0.44 -17.99 19.50
C ALA A 82 -1.72 -17.59 18.75
N TYR A 83 -2.65 -16.94 19.42
CA TYR A 83 -3.94 -16.67 18.82
C TYR A 83 -4.42 -15.25 19.15
N LEU A 84 -5.13 -14.67 18.20
CA LEU A 84 -5.86 -13.42 18.47
C LEU A 84 -7.34 -13.65 18.17
N GLN A 85 -8.12 -13.72 19.24
CA GLN A 85 -9.56 -13.87 19.12
C GLN A 85 -10.14 -12.46 18.99
N MET A 86 -10.64 -12.12 17.82
CA MET A 86 -11.27 -10.81 17.63
C MET A 86 -12.77 -10.95 17.60
N ASN A 87 -13.46 -10.29 18.54
CA ASN A 87 -14.92 -10.22 18.54
C ASN A 87 -15.44 -8.80 18.30
N SER A 88 -16.73 -8.66 17.96
CA SER A 88 -17.33 -7.33 17.79
C SER A 88 -16.54 -6.47 16.83
N LEU A 89 -16.23 -7.02 15.67
CA LEU A 89 -15.34 -6.36 14.72
C LEU A 89 -15.95 -5.12 14.06
N ARG A 90 -15.14 -4.08 13.87
CA ARG A 90 -15.59 -2.88 13.16
C ARG A 90 -14.76 -2.72 11.90
N ALA A 91 -15.30 -2.00 10.93
CA ALA A 91 -14.62 -1.74 9.66
C ALA A 91 -13.20 -1.23 9.87
N GLU A 92 -13.02 -0.40 10.90
CA GLU A 92 -11.71 0.15 11.18
C GLU A 92 -10.72 -0.88 11.80
N ASP A 93 -11.12 -2.14 11.92
CA ASP A 93 -10.16 -3.16 12.33
C ASP A 93 -9.58 -3.81 11.08
N THR A 94 -10.06 -3.36 9.92
CA THR A 94 -9.54 -3.80 8.63
C THR A 94 -8.05 -3.47 8.57
N ALA A 95 -7.20 -4.49 8.43
CA ALA A 95 -5.75 -4.26 8.48
C ALA A 95 -5.03 -5.55 8.19
N VAL A 96 -3.75 -5.45 7.82
CA VAL A 96 -2.91 -6.63 7.81
C VAL A 96 -2.53 -6.88 9.26
N TYR A 97 -2.73 -8.10 9.75
CA TYR A 97 -2.34 -8.47 11.11
C TYR A 97 -1.03 -9.26 11.12
N TYR A 98 -0.05 -8.72 11.83
CA TYR A 98 1.26 -9.35 12.05
C TYR A 98 1.40 -9.88 13.47
N CYS A 99 1.90 -11.10 13.60
CA CYS A 99 2.43 -11.49 14.91
C CYS A 99 3.94 -11.35 14.87
N ALA A 100 4.51 -11.02 16.02
CA ALA A 100 5.93 -10.75 16.12
C ALA A 100 6.44 -11.38 17.39
N ARG A 101 7.71 -11.78 17.39
CA ARG A 101 8.37 -12.27 18.58
C ARG A 101 9.16 -11.13 19.21
N GLN A 102 8.95 -10.86 20.49
CA GLN A 102 9.90 -10.01 21.19
C GLN A 102 11.14 -10.87 21.45
N GLY A 103 12.30 -10.42 20.98
CA GLY A 103 13.53 -11.19 21.09
C GLY A 103 14.07 -11.34 22.49
N TYR A 104 15.27 -11.93 22.62
CA TYR A 104 15.82 -12.23 23.94
C TYR A 104 16.47 -11.00 24.56
N ARG A 105 16.12 -10.73 25.82
CA ARG A 105 16.52 -9.46 26.46
C ARG A 105 18.00 -9.14 26.30
N ARG A 106 18.85 -10.14 26.50
CA ARG A 106 20.28 -9.93 26.42
C ARG A 106 20.77 -9.66 25.00
N ARG A 107 20.07 -10.22 24.01
CA ARG A 107 20.47 -10.08 22.62
C ARG A 107 19.87 -8.84 21.93
N SER A 108 18.63 -8.47 22.28
CA SER A 108 17.99 -7.44 21.50
C SER A 108 16.97 -6.66 22.31
N GLY A 109 17.25 -6.45 23.59
CA GLY A 109 16.38 -5.72 24.49
C GLY A 109 14.94 -6.15 24.31
N ARG A 110 14.06 -5.18 24.06
CA ARG A 110 12.64 -5.48 23.82
C ARG A 110 12.22 -5.31 22.34
N GLY A 111 13.19 -5.28 21.42
CA GLY A 111 12.88 -5.22 20.00
C GLY A 111 12.17 -6.46 19.51
N PHE A 112 11.34 -6.32 18.49
CA PHE A 112 10.64 -7.48 17.96
C PHE A 112 11.50 -8.04 16.84
N ASP A 113 12.31 -9.06 17.13
CA ASP A 113 13.31 -9.47 16.14
C ASP A 113 12.74 -10.29 14.98
N TYR A 114 11.60 -10.94 15.17
CA TYR A 114 11.02 -11.67 14.04
C TYR A 114 9.53 -11.38 13.82
N TRP A 115 9.14 -11.20 12.57
CA TRP A 115 7.76 -10.85 12.24
C TRP A 115 7.22 -11.85 11.24
N GLY A 116 5.97 -12.27 11.39
CA GLY A 116 5.30 -13.02 10.35
C GLY A 116 5.12 -12.19 9.07
N GLN A 117 4.66 -12.84 8.01
CA GLN A 117 4.41 -12.14 6.75
C GLN A 117 3.10 -11.36 6.78
N GLY A 118 2.26 -11.62 7.78
CA GLY A 118 0.99 -10.91 7.90
C GLY A 118 -0.22 -11.56 7.23
N THR A 119 -1.39 -11.36 7.82
CA THR A 119 -2.63 -11.88 7.23
C THR A 119 -3.71 -10.79 7.15
N LEU A 120 -4.36 -10.65 6.00
CA LEU A 120 -5.32 -9.55 5.81
C LEU A 120 -6.71 -9.83 6.38
N VAL A 121 -7.17 -8.95 7.28
CA VAL A 121 -8.53 -9.04 7.83
C VAL A 121 -9.36 -7.88 7.23
N THR A 122 -10.39 -8.20 6.45
CA THR A 122 -11.28 -7.18 5.89
C THR A 122 -12.61 -7.21 6.64
N VAL A 123 -12.97 -6.13 7.35
CA VAL A 123 -14.28 -6.06 8.01
C VAL A 123 -15.26 -5.17 7.21
N SER A 124 -16.28 -5.78 6.64
CA SER A 124 -17.19 -5.06 5.74
C SER A 124 -18.50 -5.82 5.53
N SER A 125 -19.57 -5.08 5.23
CA SER A 125 -20.86 -5.71 4.97
C SER A 125 -21.03 -5.98 3.49
N ALA A 126 -20.11 -5.47 2.68
CA ALA A 126 -20.07 -5.80 1.26
C ALA A 126 -19.85 -7.30 1.14
N SER A 127 -20.34 -7.90 0.06
CA SER A 127 -20.17 -9.33 -0.07
C SER A 127 -19.23 -9.66 -1.22
N THR A 128 -18.61 -10.83 -1.14
CA THR A 128 -17.57 -11.21 -2.07
C THR A 128 -18.07 -11.14 -3.51
N LYS A 129 -17.25 -10.56 -4.39
CA LYS A 129 -17.66 -10.32 -5.76
C LYS A 129 -16.42 -10.26 -6.66
N GLY A 130 -16.49 -10.91 -7.83
CA GLY A 130 -15.43 -10.78 -8.82
C GLY A 130 -15.50 -9.48 -9.59
N PRO A 131 -14.37 -9.08 -10.19
CA PRO A 131 -14.33 -7.83 -10.94
C PRO A 131 -14.91 -7.94 -12.35
N SER A 132 -15.41 -6.83 -12.88
CA SER A 132 -15.56 -6.71 -14.31
C SER A 132 -14.24 -6.13 -14.82
N VAL A 133 -13.76 -6.63 -15.94
CA VAL A 133 -12.48 -6.16 -16.48
C VAL A 133 -12.67 -5.54 -17.85
N PHE A 134 -12.47 -4.22 -17.95
CA PHE A 134 -12.71 -3.49 -19.19
C PHE A 134 -11.43 -3.07 -19.86
N PRO A 135 -11.45 -3.00 -21.19
CA PRO A 135 -10.25 -2.50 -21.87
C PRO A 135 -10.07 -0.98 -21.71
N LEU A 136 -8.81 -0.57 -21.60
CA LEU A 136 -8.44 0.81 -21.76
C LEU A 136 -7.70 0.84 -23.09
N ALA A 137 -8.46 1.11 -24.16
CA ALA A 137 -7.95 0.98 -25.52
C ALA A 137 -7.01 2.11 -25.87
N PRO A 138 -5.92 1.79 -26.58
CA PRO A 138 -4.95 2.81 -27.02
C PRO A 138 -5.61 3.80 -27.97
N SER A 139 -5.23 5.08 -27.86
CA SER A 139 -5.89 6.14 -28.64
C SER A 139 -5.69 5.98 -30.14
N SER A 140 -6.75 6.26 -30.90
CA SER A 140 -6.68 6.28 -32.36
C SER A 140 -5.90 7.49 -32.87
N LYS A 141 -4.94 7.94 -32.07
CA LYS A 141 -4.03 9.01 -32.44
C LYS A 141 -2.65 8.40 -32.73
N SER A 142 -1.63 8.98 -32.12
CA SER A 142 -0.27 8.49 -32.29
C SER A 142 0.47 8.32 -30.96
N THR A 143 0.57 9.40 -30.20
CA THR A 143 1.65 9.49 -29.23
C THR A 143 1.43 10.46 -28.05
N SER A 144 1.97 10.07 -26.89
CA SER A 144 2.36 11.03 -25.84
C SER A 144 3.73 10.55 -25.33
N GLY A 145 4.77 11.27 -25.72
CA GLY A 145 6.14 10.82 -25.46
C GLY A 145 6.78 10.20 -26.69
N GLY A 146 5.99 9.43 -27.44
CA GLY A 146 6.47 8.71 -28.62
C GLY A 146 5.83 7.33 -28.64
N THR A 147 5.12 7.03 -27.55
CA THR A 147 4.59 5.70 -27.33
C THR A 147 3.07 5.75 -27.14
N ALA A 148 2.43 4.58 -27.15
CA ALA A 148 1.01 4.48 -26.87
C ALA A 148 0.80 3.84 -25.49
N ALA A 149 -0.33 4.14 -24.87
CA ALA A 149 -0.64 3.55 -23.57
C ALA A 149 -1.94 2.78 -23.64
N LEU A 150 -1.95 1.57 -23.09
CA LEU A 150 -3.19 0.81 -23.05
C LEU A 150 -3.29 0.16 -21.69
N GLY A 151 -4.43 -0.45 -21.37
CA GLY A 151 -4.55 -1.09 -20.08
C GLY A 151 -5.84 -1.82 -19.86
N CYS A 152 -6.11 -2.13 -18.58
CA CYS A 152 -7.31 -2.84 -18.19
C CYS A 152 -7.79 -2.22 -16.90
N LEU A 153 -9.11 -2.02 -16.83
CA LEU A 153 -9.76 -1.49 -15.65
C LEU A 153 -10.43 -2.65 -14.94
N VAL A 154 -9.98 -2.89 -13.72
CA VAL A 154 -10.44 -4.00 -12.90
C VAL A 154 -11.39 -3.41 -11.87
N LYS A 155 -12.69 -3.52 -12.14
CA LYS A 155 -13.67 -2.71 -11.44
C LYS A 155 -14.68 -3.52 -10.65
N ASP A 156 -14.95 -3.04 -9.43
CA ASP A 156 -16.01 -3.58 -8.59
C ASP A 156 -15.78 -5.00 -8.07
N TYR A 157 -14.59 -5.28 -7.55
CA TYR A 157 -14.36 -6.55 -6.86
C TYR A 157 -14.34 -6.38 -5.35
N PHE A 158 -14.43 -7.50 -4.63
CA PHE A 158 -14.37 -7.53 -3.17
C PHE A 158 -14.18 -8.98 -2.66
N PRO A 159 -13.31 -9.18 -1.66
CA PRO A 159 -12.43 -8.16 -1.07
C PRO A 159 -11.12 -8.11 -1.83
N GLU A 160 -10.15 -7.37 -1.31
CA GLU A 160 -8.76 -7.48 -1.76
C GLU A 160 -8.32 -8.90 -1.44
N PRO A 161 -7.32 -9.43 -2.18
CA PRO A 161 -6.62 -8.74 -3.26
C PRO A 161 -6.95 -9.32 -4.61
N VAL A 162 -6.37 -8.73 -5.65
CA VAL A 162 -6.48 -9.23 -7.01
C VAL A 162 -5.05 -9.20 -7.54
N THR A 163 -4.73 -10.06 -8.51
CA THR A 163 -3.44 -9.96 -9.20
C THR A 163 -3.64 -9.65 -10.66
N VAL A 164 -2.68 -8.92 -11.24
CA VAL A 164 -2.72 -8.63 -12.66
C VAL A 164 -1.36 -8.89 -13.27
N SER A 165 -1.34 -9.47 -14.45
CA SER A 165 -0.10 -9.58 -15.20
C SER A 165 -0.45 -9.34 -16.66
N TRP A 166 0.57 -9.24 -17.50
CA TRP A 166 0.37 -8.98 -18.91
C TRP A 166 1.08 -10.03 -19.78
N ASN A 167 0.34 -10.58 -20.75
CA ASN A 167 0.82 -11.68 -21.59
C ASN A 167 1.39 -12.82 -20.75
N SER A 168 0.57 -13.32 -19.82
CA SER A 168 0.94 -14.37 -18.86
C SER A 168 2.30 -14.20 -18.20
N GLY A 169 2.75 -12.96 -18.02
CA GLY A 169 3.98 -12.71 -17.31
C GLY A 169 5.13 -12.30 -18.21
N ALA A 170 4.97 -12.47 -19.52
CA ALA A 170 6.06 -12.19 -20.45
C ALA A 170 6.30 -10.71 -20.63
N LEU A 171 5.22 -9.94 -20.54
CA LEU A 171 5.29 -8.48 -20.67
C LEU A 171 5.32 -7.84 -19.29
N THR A 172 6.48 -7.33 -18.89
CA THR A 172 6.62 -6.74 -17.56
C THR A 172 7.12 -5.31 -17.63
N SER A 173 7.83 -4.99 -18.70
CA SER A 173 8.40 -3.66 -18.85
C SER A 173 7.34 -2.64 -19.22
N GLY A 174 7.38 -1.49 -18.55
CA GLY A 174 6.43 -0.42 -18.81
C GLY A 174 5.08 -0.72 -18.19
N VAL A 175 5.03 -1.68 -17.27
CA VAL A 175 3.78 -2.01 -16.60
C VAL A 175 3.64 -1.23 -15.28
N HIS A 176 2.43 -0.74 -15.01
CA HIS A 176 2.12 -0.10 -13.74
C HIS A 176 0.75 -0.59 -13.30
N THR A 177 0.72 -1.37 -12.23
CA THR A 177 -0.55 -1.83 -11.68
C THR A 177 -0.86 -1.04 -10.42
N PHE A 178 -1.93 -0.25 -10.48
CA PHE A 178 -2.20 0.73 -9.43
C PHE A 178 -2.75 0.07 -8.19
N PRO A 179 -2.45 0.65 -7.03
CA PRO A 179 -3.11 0.14 -5.83
C PRO A 179 -4.60 0.45 -5.94
N ALA A 180 -5.44 -0.49 -5.50
CA ALA A 180 -6.88 -0.36 -5.55
C ALA A 180 -7.38 0.84 -4.76
N VAL A 181 -8.48 1.44 -5.19
CA VAL A 181 -9.21 2.34 -4.31
C VAL A 181 -10.47 1.66 -3.82
N LEU A 182 -10.86 1.95 -2.59
CA LEU A 182 -12.15 1.56 -2.08
C LEU A 182 -13.19 2.60 -2.53
N GLN A 183 -14.14 2.19 -3.36
CA GLN A 183 -15.19 3.10 -3.82
C GLN A 183 -16.28 3.21 -2.77
N SER A 184 -17.11 4.24 -2.89
CA SER A 184 -18.18 4.51 -1.94
C SER A 184 -19.19 3.36 -1.87
N SER A 185 -19.29 2.59 -2.95
CA SER A 185 -20.10 1.38 -2.95
C SER A 185 -19.55 0.34 -1.98
N GLY A 186 -18.29 0.46 -1.61
CA GLY A 186 -17.69 -0.51 -0.69
C GLY A 186 -16.94 -1.57 -1.45
N LEU A 187 -16.89 -1.41 -2.77
CA LEU A 187 -16.14 -2.28 -3.66
C LEU A 187 -14.84 -1.63 -4.09
N TYR A 188 -13.86 -2.46 -4.42
CA TYR A 188 -12.56 -1.97 -4.86
C TYR A 188 -12.52 -1.82 -6.37
N SER A 189 -11.51 -1.10 -6.85
CA SER A 189 -11.34 -0.88 -8.27
C SER A 189 -9.91 -0.45 -8.46
N LEU A 190 -9.29 -0.89 -9.56
CA LEU A 190 -7.92 -0.52 -9.85
C LEU A 190 -7.73 -0.60 -11.34
N SER A 191 -6.61 -0.13 -11.83
CA SER A 191 -6.33 -0.30 -13.23
C SER A 191 -4.88 -0.69 -13.39
N SER A 192 -4.58 -1.44 -14.44
CA SER A 192 -3.20 -1.75 -14.76
C SER A 192 -2.96 -1.23 -16.15
N VAL A 193 -1.86 -0.53 -16.35
CA VAL A 193 -1.57 0.00 -17.67
C VAL A 193 -0.19 -0.41 -18.12
N VAL A 194 0.03 -0.30 -19.42
CA VAL A 194 1.36 -0.52 -19.98
C VAL A 194 1.56 0.39 -21.18
N THR A 195 2.78 0.93 -21.28
CA THR A 195 3.16 1.71 -22.45
C THR A 195 3.86 0.78 -23.44
N VAL A 196 3.50 0.89 -24.70
CA VAL A 196 4.01 0.04 -25.79
C VAL A 196 4.26 0.92 -27.00
N PRO A 197 5.02 0.42 -28.01
CA PRO A 197 5.16 1.29 -29.19
C PRO A 197 3.90 1.34 -30.06
N SER A 198 3.61 2.50 -30.62
CA SER A 198 2.39 2.69 -31.40
C SER A 198 2.44 2.00 -32.77
N SER A 199 3.65 1.69 -33.23
CA SER A 199 3.84 1.00 -34.50
C SER A 199 3.47 -0.50 -34.46
N SER A 200 3.23 -1.04 -33.27
CA SER A 200 2.96 -2.46 -33.13
C SER A 200 1.53 -2.74 -32.71
N LEU A 201 0.74 -1.68 -32.57
CA LEU A 201 -0.59 -1.78 -31.98
C LEU A 201 -1.50 -2.74 -32.75
N GLY A 202 -1.33 -2.78 -34.07
CA GLY A 202 -2.17 -3.64 -34.89
C GLY A 202 -1.68 -5.06 -35.09
N THR A 203 -0.46 -5.34 -34.62
CA THR A 203 0.19 -6.62 -34.88
C THR A 203 0.68 -7.31 -33.60
N GLN A 204 0.96 -6.51 -32.57
CA GLN A 204 1.37 -7.06 -31.29
C GLN A 204 0.14 -7.29 -30.44
N THR A 205 0.13 -8.37 -29.67
CA THR A 205 -1.04 -8.75 -28.89
C THR A 205 -0.85 -8.39 -27.41
N TYR A 206 -1.86 -7.79 -26.80
CA TYR A 206 -1.78 -7.41 -25.39
C TYR A 206 -2.98 -7.91 -24.60
N ILE A 207 -2.71 -8.80 -23.66
CA ILE A 207 -3.76 -9.41 -22.85
C ILE A 207 -3.46 -9.17 -21.39
N CYS A 208 -4.46 -8.69 -20.64
CA CYS A 208 -4.28 -8.56 -19.20
C CYS A 208 -4.89 -9.78 -18.53
N ASN A 209 -4.15 -10.31 -17.55
CA ASN A 209 -4.56 -11.50 -16.82
C ASN A 209 -4.89 -11.09 -15.43
N VAL A 210 -6.15 -11.28 -15.07
CA VAL A 210 -6.65 -10.83 -13.79
C VAL A 210 -7.12 -12.02 -12.98
N ASN A 211 -6.59 -12.17 -11.78
CA ASN A 211 -7.04 -13.24 -10.92
C ASN A 211 -7.59 -12.68 -9.62
N HIS A 212 -8.84 -13.03 -9.31
CA HIS A 212 -9.41 -12.72 -8.02
C HIS A 212 -9.85 -14.03 -7.39
N LYS A 213 -8.98 -14.58 -6.55
CA LYS A 213 -9.21 -15.88 -5.94
C LYS A 213 -10.43 -16.00 -5.01
N PRO A 214 -10.71 -14.98 -4.18
CA PRO A 214 -11.87 -15.16 -3.30
C PRO A 214 -13.22 -15.34 -4.01
N SER A 215 -13.31 -15.10 -5.31
CA SER A 215 -14.61 -15.21 -5.98
C SER A 215 -14.60 -16.18 -7.16
N ASN A 216 -13.53 -16.96 -7.26
CA ASN A 216 -13.37 -17.89 -8.37
C ASN A 216 -13.49 -17.14 -9.69
N THR A 217 -12.79 -16.01 -9.77
CA THR A 217 -12.83 -15.20 -10.97
C THR A 217 -11.43 -15.05 -11.50
N LYS A 218 -11.22 -15.60 -12.69
CA LYS A 218 -9.95 -15.45 -13.39
C LYS A 218 -10.32 -15.12 -14.83
N VAL A 219 -9.74 -14.04 -15.36
CA VAL A 219 -10.15 -13.58 -16.68
C VAL A 219 -8.93 -13.12 -17.47
N ASP A 220 -9.00 -13.25 -18.78
CA ASP A 220 -8.00 -12.67 -19.65
C ASP A 220 -8.71 -11.78 -20.66
N LYS A 221 -8.19 -10.57 -20.82
CA LYS A 221 -8.84 -9.61 -21.69
C LYS A 221 -7.87 -9.10 -22.72
N LYS A 222 -8.21 -9.32 -23.98
CA LYS A 222 -7.41 -8.80 -25.08
C LYS A 222 -7.73 -7.32 -25.19
N VAL A 223 -6.69 -6.49 -25.19
CA VAL A 223 -6.91 -5.06 -25.34
C VAL A 223 -6.49 -4.63 -26.72
N GLU A 224 -7.47 -4.20 -27.51
CA GLU A 224 -7.22 -3.80 -28.89
C GLU A 224 -7.67 -2.37 -29.15
N PRO A 225 -7.09 -1.73 -30.17
CA PRO A 225 -7.65 -0.50 -30.74
C PRO A 225 -8.95 -0.85 -31.43
N LYS A 226 -10.00 -0.02 -31.35
CA LYS A 226 -11.29 -0.42 -31.91
C LYS A 226 -11.54 0.00 -33.37
N SER A 227 -11.85 1.27 -33.59
CA SER A 227 -12.28 1.73 -34.91
C SER A 227 -11.44 2.88 -35.44
N CYS A 228 -12.11 3.90 -35.98
CA CYS A 228 -11.44 5.04 -36.61
C CYS A 228 -10.52 5.78 -35.65
N SER B 1 -1.92 8.41 31.18
CA SER B 1 -1.58 8.93 29.85
C SER B 1 -0.78 7.90 29.03
N ASP B 2 -1.36 7.47 27.90
CA ASP B 2 -0.62 6.70 26.90
C ASP B 2 0.57 7.55 26.47
N ILE B 3 1.67 6.89 26.11
CA ILE B 3 2.87 7.60 25.66
C ILE B 3 2.83 7.87 24.14
N GLN B 4 3.05 9.13 23.77
CA GLN B 4 3.12 9.49 22.35
C GLN B 4 4.55 9.41 21.81
N MET B 5 4.70 8.86 20.60
CA MET B 5 5.95 8.97 19.88
C MET B 5 5.67 9.77 18.62
N THR B 6 6.15 10.99 18.59
CA THR B 6 5.89 11.89 17.47
C THR B 6 7.03 11.85 16.48
N GLN B 7 6.79 11.29 15.29
CA GLN B 7 7.86 11.03 14.33
C GLN B 7 7.88 12.04 13.18
N SER B 8 9.07 12.55 12.88
CA SER B 8 9.28 13.53 11.83
C SER B 8 10.58 13.26 11.08
N PRO B 9 10.62 13.58 9.78
CA PRO B 9 9.48 14.07 9.01
C PRO B 9 8.66 12.88 8.54
N SER B 10 7.49 13.13 7.96
CA SER B 10 6.67 12.03 7.50
C SER B 10 7.23 11.50 6.19
N SER B 11 8.00 12.33 5.51
CA SER B 11 8.74 11.85 4.35
C SER B 11 9.98 12.70 4.09
N LEU B 12 10.93 12.15 3.34
CA LEU B 12 12.10 12.91 2.95
C LEU B 12 12.63 12.35 1.65
N SER B 13 13.24 13.22 0.85
CA SER B 13 13.82 12.81 -0.41
C SER B 13 15.31 12.94 -0.26
N ALA B 14 16.04 11.95 -0.75
CA ALA B 14 17.49 11.98 -0.57
C ALA B 14 18.18 11.26 -1.71
N SER B 15 19.44 11.64 -1.94
CA SER B 15 20.24 10.99 -2.97
C SER B 15 20.98 9.84 -2.33
N VAL B 16 21.26 8.80 -3.11
CA VAL B 16 22.17 7.75 -2.67
C VAL B 16 23.46 8.42 -2.20
N GLY B 17 23.98 7.99 -1.05
CA GLY B 17 25.21 8.56 -0.54
C GLY B 17 25.01 9.58 0.56
N ASP B 18 23.80 10.16 0.62
CA ASP B 18 23.45 11.17 1.63
C ASP B 18 23.37 10.65 3.06
N ARG B 19 23.62 11.54 4.01
CA ARG B 19 23.42 11.27 5.42
C ARG B 19 22.02 11.74 5.81
N VAL B 20 21.15 10.84 6.25
CA VAL B 20 19.79 11.23 6.71
C VAL B 20 19.52 10.97 8.20
N THR B 21 18.62 11.77 8.76
CA THR B 21 18.24 11.59 10.16
C THR B 21 16.73 11.66 10.36
N ILE B 22 16.22 10.70 11.14
CA ILE B 22 14.79 10.55 11.36
C ILE B 22 14.59 10.63 12.88
N THR B 23 13.52 11.30 13.31
CA THR B 23 13.37 11.66 14.72
C THR B 23 12.05 11.18 15.30
N CYS B 24 12.12 10.62 16.50
CA CYS B 24 10.94 10.33 17.29
C CYS B 24 11.02 11.02 18.61
N ARG B 25 9.94 11.70 18.99
CA ARG B 25 10.00 12.42 20.24
C ARG B 25 8.93 11.93 21.18
N ALA B 26 9.35 11.42 22.34
CA ALA B 26 8.42 10.78 23.28
C ALA B 26 7.71 11.82 24.16
N SER B 27 6.46 11.56 24.52
CA SER B 27 5.67 12.53 25.29
C SER B 27 6.03 12.50 26.77
N GLN B 28 6.72 11.44 27.17
CA GLN B 28 7.27 11.35 28.51
C GLN B 28 8.43 10.37 28.50
N SER B 29 9.11 10.25 29.63
CA SER B 29 10.31 9.43 29.68
C SER B 29 10.04 8.00 29.26
N VAL B 30 10.83 7.49 28.31
CA VAL B 30 10.71 6.09 27.92
C VAL B 30 12.06 5.38 28.17
N SER B 31 12.87 5.93 29.06
CA SER B 31 14.22 5.43 29.28
C SER B 31 14.92 5.23 27.93
N SER B 32 15.35 4.01 27.64
CA SER B 32 15.96 3.70 26.35
C SER B 32 15.23 2.60 25.64
N ALA B 33 14.02 2.30 26.09
CA ALA B 33 13.26 1.21 25.49
C ALA B 33 12.65 1.65 24.15
N VAL B 34 13.52 2.04 23.21
CA VAL B 34 13.07 2.44 21.88
C VAL B 34 13.72 1.58 20.80
N ALA B 35 12.90 1.07 19.89
CA ALA B 35 13.39 0.26 18.79
C ALA B 35 13.13 0.96 17.48
N TRP B 36 13.96 0.66 16.47
CA TRP B 36 13.75 1.20 15.13
C TRP B 36 13.63 0.06 14.15
N TYR B 37 12.65 0.20 13.24
CA TYR B 37 12.28 -0.77 12.21
C TYR B 37 12.30 -0.19 10.81
N GLN B 38 12.64 -1.05 9.87
CA GLN B 38 12.51 -0.76 8.46
C GLN B 38 11.41 -1.60 7.81
N GLN B 39 10.66 -1.01 6.88
CA GLN B 39 9.58 -1.71 6.18
C GLN B 39 9.51 -1.30 4.71
N LYS B 40 9.52 -2.31 3.84
CA LYS B 40 9.39 -2.08 2.42
C LYS B 40 7.98 -2.47 1.98
N PRO B 41 7.51 -1.93 0.84
CA PRO B 41 6.11 -2.17 0.44
C PRO B 41 5.80 -3.65 0.29
N GLY B 42 4.68 -4.06 0.89
CA GLY B 42 4.26 -5.45 0.87
C GLY B 42 4.97 -6.38 1.84
N LYS B 43 5.95 -5.88 2.59
CA LYS B 43 6.77 -6.74 3.45
C LYS B 43 6.63 -6.46 4.95
N ALA B 44 6.88 -7.46 5.79
CA ALA B 44 6.93 -7.25 7.23
C ALA B 44 8.07 -6.30 7.61
N PRO B 45 7.91 -5.55 8.71
CA PRO B 45 8.99 -4.72 9.25
C PRO B 45 10.23 -5.54 9.63
N LYS B 46 11.42 -4.94 9.59
CA LYS B 46 12.63 -5.60 10.10
C LYS B 46 13.28 -4.76 11.19
N LEU B 47 13.72 -5.42 12.26
CA LEU B 47 14.37 -4.70 13.35
C LEU B 47 15.76 -4.20 12.96
N LEU B 48 16.01 -2.92 13.22
CA LEU B 48 17.31 -2.30 12.93
C LEU B 48 18.05 -1.98 14.22
N ILE B 49 17.36 -1.30 15.14
CA ILE B 49 18.01 -0.78 16.33
C ILE B 49 17.18 -1.16 17.54
N TYR B 50 17.83 -1.47 18.66
CA TYR B 50 17.08 -1.74 19.87
C TYR B 50 17.69 -0.98 21.04
N SER B 51 16.93 -0.80 22.11
CA SER B 51 17.41 -0.09 23.29
C SER B 51 17.98 1.24 22.89
N ALA B 52 17.32 1.88 21.92
CA ALA B 52 17.66 3.22 21.46
C ALA B 52 18.94 3.33 20.62
N SER B 53 19.98 2.57 20.98
CA SER B 53 21.28 2.76 20.34
C SER B 53 22.06 1.50 20.02
N SER B 54 21.48 0.33 20.23
CA SER B 54 22.23 -0.88 19.94
C SER B 54 21.89 -1.42 18.56
N LEU B 55 22.93 -1.71 17.79
CA LEU B 55 22.72 -2.23 16.46
C LEU B 55 22.26 -3.69 16.55
N TYR B 56 21.13 -4.02 15.92
CA TYR B 56 20.64 -5.40 15.93
C TYR B 56 21.56 -6.26 15.06
N SER B 57 21.77 -7.50 15.50
CA SER B 57 22.69 -8.42 14.83
C SER B 57 22.41 -8.52 13.33
N GLY B 58 23.47 -8.34 12.52
CA GLY B 58 23.32 -8.44 11.08
C GLY B 58 22.93 -7.13 10.38
N VAL B 59 22.65 -6.07 11.15
CA VAL B 59 22.27 -4.81 10.51
C VAL B 59 23.53 -4.05 10.16
N PRO B 60 23.61 -3.53 8.93
CA PRO B 60 24.83 -2.80 8.56
C PRO B 60 25.04 -1.56 9.43
N SER B 61 26.31 -1.22 9.68
CA SER B 61 26.63 -0.22 10.68
C SER B 61 26.44 1.21 10.17
N ARG B 62 26.02 1.37 8.93
CA ARG B 62 25.64 2.72 8.52
C ARG B 62 24.38 3.15 9.27
N PHE B 63 23.69 2.21 9.92
CA PHE B 63 22.54 2.54 10.76
C PHE B 63 22.99 2.77 12.21
N SER B 64 22.57 3.90 12.78
CA SER B 64 22.85 4.13 14.20
C SER B 64 21.67 4.80 14.86
N GLY B 65 21.54 4.58 16.15
CA GLY B 65 20.47 5.19 16.88
C GLY B 65 21.09 5.97 18.00
N SER B 66 20.42 7.02 18.43
CA SER B 66 20.94 7.89 19.46
C SER B 66 19.79 8.35 20.35
N ARG B 67 20.07 8.57 21.63
CA ARG B 67 19.10 9.13 22.56
C ARG B 67 19.57 10.46 23.17
N SER B 68 18.70 11.47 23.09
CA SER B 68 18.92 12.74 23.76
C SER B 68 17.68 13.08 24.60
N GLY B 69 17.74 12.70 25.87
CA GLY B 69 16.61 12.83 26.78
C GLY B 69 15.44 11.98 26.35
N THR B 70 14.39 12.62 25.87
CA THR B 70 13.21 11.92 25.39
C THR B 70 13.10 12.01 23.87
N ASP B 71 14.16 12.52 23.25
CA ASP B 71 14.20 12.55 21.79
C ASP B 71 15.16 11.49 21.23
N PHE B 72 14.76 10.81 20.17
CA PHE B 72 15.47 9.65 19.66
C PHE B 72 15.68 9.81 18.17
N THR B 73 16.83 9.39 17.68
CA THR B 73 17.13 9.60 16.27
C THR B 73 17.71 8.34 15.66
N LEU B 74 17.23 8.02 14.46
CA LEU B 74 17.87 7.01 13.64
C LEU B 74 18.61 7.76 12.57
N THR B 75 19.92 7.50 12.47
CA THR B 75 20.72 8.09 11.42
C THR B 75 21.21 7.02 10.46
N ILE B 76 21.10 7.31 9.16
CA ILE B 76 21.82 6.53 8.15
C ILE B 76 22.94 7.39 7.55
N SER B 77 24.19 6.99 7.80
CA SER B 77 25.37 7.81 7.49
C SER B 77 25.62 8.02 6.01
N SER B 78 25.14 7.09 5.20
CA SER B 78 25.32 7.14 3.77
C SER B 78 24.33 6.16 3.16
N LEU B 79 23.20 6.68 2.68
CA LEU B 79 22.17 5.85 2.07
C LEU B 79 22.70 4.98 0.94
N GLN B 80 22.14 3.78 0.81
CA GLN B 80 22.44 2.89 -0.30
C GLN B 80 21.11 2.58 -0.97
N PRO B 81 21.14 2.07 -2.21
CA PRO B 81 19.88 1.81 -2.92
C PRO B 81 18.86 1.01 -2.12
N GLU B 82 19.30 0.06 -1.31
CA GLU B 82 18.36 -0.80 -0.60
C GLU B 82 17.78 -0.17 0.68
N ASP B 83 18.25 1.02 1.04
CA ASP B 83 17.80 1.68 2.26
C ASP B 83 16.51 2.49 2.08
N PHE B 84 16.06 2.63 0.83
CA PHE B 84 14.82 3.37 0.56
C PHE B 84 13.60 2.55 0.93
N ALA B 85 12.84 3.08 1.88
CA ALA B 85 11.89 2.30 2.64
C ALA B 85 11.18 3.25 3.61
N THR B 86 10.25 2.70 4.40
CA THR B 86 9.64 3.45 5.49
C THR B 86 10.21 2.99 6.83
N TYR B 87 10.43 3.93 7.75
CA TYR B 87 11.02 3.62 9.06
C TYR B 87 10.07 3.99 10.21
N TYR B 88 10.02 3.11 11.21
CA TYR B 88 9.13 3.30 12.35
C TYR B 88 9.91 3.17 13.65
N CYS B 89 9.75 4.14 14.54
CA CYS B 89 10.22 4.01 15.92
C CYS B 89 9.11 3.39 16.78
N GLN B 90 9.52 2.77 17.88
CA GLN B 90 8.58 2.15 18.80
C GLN B 90 9.07 2.32 20.21
N GLN B 91 8.18 2.76 21.11
CA GLN B 91 8.50 2.73 22.54
C GLN B 91 7.93 1.47 23.18
N SER B 92 8.75 0.79 23.98
CA SER B 92 8.32 -0.39 24.74
C SER B 92 8.77 -0.21 26.17
N TYR B 93 8.66 1.02 26.66
CA TYR B 93 8.99 1.28 28.04
C TYR B 93 7.83 0.84 28.92
N SER B 94 6.62 1.15 28.46
CA SER B 94 5.45 0.66 29.17
C SER B 94 4.32 0.33 28.20
N PHE B 95 3.32 -0.38 28.71
CA PHE B 95 2.15 -0.74 27.93
C PHE B 95 1.05 0.30 28.12
N PRO B 96 0.32 0.65 27.06
CA PRO B 96 0.42 0.06 25.72
C PRO B 96 1.64 0.56 24.96
N SER B 97 2.17 -0.31 24.11
CA SER B 97 3.30 0.07 23.27
C SER B 97 2.84 1.07 22.22
N THR B 98 3.76 1.88 21.72
CA THR B 98 3.41 2.88 20.72
C THR B 98 4.39 2.93 19.55
N PHE B 99 3.89 2.88 18.32
CA PHE B 99 4.72 3.09 17.14
C PHE B 99 4.63 4.56 16.71
N GLY B 100 5.71 5.08 16.13
CA GLY B 100 5.69 6.40 15.54
C GLY B 100 4.95 6.32 14.22
N GLN B 101 4.63 7.47 13.63
CA GLN B 101 3.79 7.49 12.44
C GLN B 101 4.49 6.91 11.21
N GLY B 102 5.82 6.93 11.22
CA GLY B 102 6.56 6.42 10.09
C GLY B 102 7.19 7.55 9.31
N THR B 103 8.24 7.22 8.56
CA THR B 103 8.96 8.19 7.75
C THR B 103 9.31 7.48 6.47
N LYS B 104 8.70 7.91 5.37
CA LYS B 104 9.04 7.35 4.08
C LYS B 104 10.29 8.04 3.54
N VAL B 105 11.29 7.25 3.18
CA VAL B 105 12.54 7.78 2.67
C VAL B 105 12.63 7.43 1.20
N GLU B 106 12.55 8.45 0.35
CA GLU B 106 12.44 8.22 -1.08
C GLU B 106 13.64 8.79 -1.80
N ILE B 107 13.86 8.30 -3.01
CA ILE B 107 15.06 8.68 -3.71
C ILE B 107 14.84 9.94 -4.54
N LYS B 108 15.86 10.81 -4.54
CA LYS B 108 15.81 12.03 -5.30
C LYS B 108 16.36 11.81 -6.72
N ARG B 109 15.81 12.55 -7.67
CA ARG B 109 16.25 12.50 -9.06
C ARG B 109 15.75 13.75 -9.77
N THR B 110 16.11 13.85 -11.05
CA THR B 110 15.76 15.02 -11.86
C THR B 110 14.26 15.08 -12.15
N VAL B 111 13.70 16.30 -12.08
CA VAL B 111 12.32 16.57 -12.45
C VAL B 111 11.99 15.90 -13.79
N ALA B 112 10.91 15.13 -13.83
CA ALA B 112 10.48 14.47 -15.06
C ALA B 112 9.00 14.75 -15.25
N ALA B 113 8.62 15.31 -16.39
CA ALA B 113 7.21 15.61 -16.64
C ALA B 113 6.49 14.32 -16.98
N PRO B 114 5.19 14.25 -16.67
CA PRO B 114 4.42 13.03 -16.93
C PRO B 114 4.01 12.95 -18.37
N SER B 115 3.84 11.73 -18.90
CA SER B 115 3.14 11.58 -20.17
C SER B 115 1.69 11.33 -19.82
N VAL B 116 0.76 12.07 -20.45
CA VAL B 116 -0.65 11.98 -20.07
C VAL B 116 -1.49 11.24 -21.10
N PHE B 117 -2.35 10.34 -20.64
CA PHE B 117 -3.25 9.65 -21.55
C PHE B 117 -4.68 9.63 -21.00
N ILE B 118 -5.66 9.80 -21.86
CA ILE B 118 -7.04 9.70 -21.41
C ILE B 118 -7.71 8.49 -22.07
N PHE B 119 -8.58 7.82 -21.32
CA PHE B 119 -9.28 6.64 -21.81
C PHE B 119 -10.77 6.81 -21.58
N PRO B 120 -11.56 6.77 -22.66
CA PRO B 120 -13.01 6.80 -22.55
C PRO B 120 -13.48 5.48 -21.99
N PRO B 121 -14.73 5.42 -21.53
CA PRO B 121 -15.22 4.13 -21.04
C PRO B 121 -15.43 3.17 -22.20
N SER B 122 -15.35 1.88 -21.92
CA SER B 122 -15.57 0.85 -22.93
C SER B 122 -17.06 0.77 -23.17
N ASP B 123 -17.45 0.32 -24.36
CA ASP B 123 -18.86 0.14 -24.66
C ASP B 123 -19.41 -0.97 -23.77
N GLU B 124 -18.52 -1.91 -23.46
CA GLU B 124 -18.80 -3.00 -22.55
C GLU B 124 -19.33 -2.45 -21.23
N GLN B 125 -18.53 -1.60 -20.58
CA GLN B 125 -18.95 -1.03 -19.31
C GLN B 125 -20.23 -0.23 -19.47
N LEU B 126 -20.35 0.45 -20.61
CA LEU B 126 -21.55 1.26 -20.87
C LEU B 126 -22.85 0.43 -20.83
N LYS B 127 -22.79 -0.80 -21.35
CA LYS B 127 -23.96 -1.70 -21.24
C LYS B 127 -24.51 -1.85 -19.81
N SER B 128 -23.69 -1.58 -18.79
CA SER B 128 -24.13 -1.80 -17.40
C SER B 128 -24.58 -0.54 -16.66
N GLY B 129 -24.55 0.61 -17.33
CA GLY B 129 -25.10 1.80 -16.74
C GLY B 129 -24.14 2.70 -15.98
N THR B 130 -22.86 2.33 -15.98
CA THR B 130 -21.82 3.17 -15.38
C THR B 130 -20.72 3.43 -16.40
N ALA B 131 -20.26 4.68 -16.45
CA ALA B 131 -19.12 5.07 -17.27
C ALA B 131 -17.93 5.46 -16.37
N SER B 132 -16.78 4.82 -16.62
CA SER B 132 -15.53 5.16 -15.95
C SER B 132 -14.60 5.77 -16.97
N VAL B 133 -14.13 6.98 -16.69
CA VAL B 133 -13.18 7.66 -17.57
C VAL B 133 -11.87 7.68 -16.84
N VAL B 134 -10.78 7.32 -17.50
CA VAL B 134 -9.51 7.17 -16.78
C VAL B 134 -8.43 8.08 -17.33
N CYS B 135 -7.69 8.72 -16.44
CA CYS B 135 -6.56 9.53 -16.88
C CYS B 135 -5.25 9.00 -16.28
N LEU B 136 -4.24 8.80 -17.13
CA LEU B 136 -2.96 8.24 -16.69
C LEU B 136 -1.87 9.29 -16.76
N LEU B 137 -1.18 9.46 -15.64
CA LEU B 137 0.02 10.28 -15.61
C LEU B 137 1.20 9.34 -15.45
N ASN B 138 2.05 9.28 -16.47
CA ASN B 138 3.02 8.21 -16.55
C ASN B 138 4.46 8.70 -16.37
N ASN B 139 5.15 8.04 -15.44
CA ASN B 139 6.59 8.20 -15.23
C ASN B 139 7.05 9.63 -14.99
N PHE B 140 6.63 10.21 -13.88
CA PHE B 140 6.99 11.59 -13.57
C PHE B 140 7.66 11.71 -12.19
N TYR B 141 8.28 12.85 -11.93
CA TYR B 141 8.93 13.12 -10.66
C TYR B 141 9.10 14.62 -10.58
N PRO B 142 8.86 15.21 -9.40
CA PRO B 142 8.48 14.61 -8.11
C PRO B 142 7.02 14.16 -8.09
N ARG B 143 6.59 13.68 -6.93
CA ARG B 143 5.29 13.03 -6.81
C ARG B 143 4.09 13.99 -6.89
N GLU B 144 4.28 15.23 -6.47
CA GLU B 144 3.19 16.20 -6.50
C GLU B 144 2.75 16.46 -7.94
N ALA B 145 1.45 16.27 -8.15
CA ALA B 145 0.84 16.49 -9.46
C ALA B 145 -0.62 16.85 -9.23
N LYS B 146 -1.20 17.61 -10.16
CA LYS B 146 -2.59 18.05 -10.00
C LYS B 146 -3.38 17.60 -11.19
N VAL B 147 -4.40 16.79 -10.94
CA VAL B 147 -5.27 16.37 -12.03
C VAL B 147 -6.65 16.97 -11.83
N GLN B 148 -7.19 17.59 -12.87
CA GLN B 148 -8.54 18.13 -12.82
C GLN B 148 -9.38 17.55 -13.96
N TRP B 149 -10.63 17.22 -13.69
CA TRP B 149 -11.55 16.73 -14.74
C TRP B 149 -12.50 17.83 -15.22
N LYS B 150 -12.67 17.92 -16.53
CA LYS B 150 -13.69 18.80 -17.07
C LYS B 150 -14.62 18.03 -17.98
N VAL B 151 -15.92 18.28 -17.83
CA VAL B 151 -16.95 17.70 -18.68
C VAL B 151 -17.65 18.88 -19.36
N ASP B 152 -17.48 19.00 -20.68
CA ASP B 152 -17.98 20.17 -21.43
C ASP B 152 -17.47 21.44 -20.79
N ASN B 153 -16.19 21.42 -20.41
CA ASN B 153 -15.49 22.54 -19.79
C ASN B 153 -15.95 22.92 -18.38
N ALA B 154 -16.85 22.13 -17.81
CA ALA B 154 -17.24 22.34 -16.42
C ALA B 154 -16.32 21.55 -15.48
N LEU B 155 -15.78 22.20 -14.44
CA LEU B 155 -14.83 21.56 -13.53
C LEU B 155 -15.51 20.54 -12.62
N GLN B 156 -15.06 19.30 -12.68
CA GLN B 156 -15.65 18.24 -11.85
C GLN B 156 -15.09 18.26 -10.43
N SER B 157 -15.90 17.79 -9.48
CA SER B 157 -15.46 17.75 -8.08
C SER B 157 -16.23 16.71 -7.26
N GLY B 158 -15.50 15.81 -6.59
CA GLY B 158 -16.10 14.82 -5.71
C GLY B 158 -16.46 13.49 -6.37
N ASN B 159 -16.22 13.39 -7.67
CA ASN B 159 -16.62 12.23 -8.45
C ASN B 159 -15.41 11.59 -9.13
N SER B 160 -14.23 11.87 -8.60
CA SER B 160 -13.03 11.19 -9.08
C SER B 160 -12.16 10.60 -7.95
N GLN B 161 -11.33 9.62 -8.29
CA GLN B 161 -10.43 9.04 -7.29
C GLN B 161 -9.08 8.78 -7.90
N GLU B 162 -8.02 9.13 -7.17
CA GLU B 162 -6.69 8.91 -7.67
C GLU B 162 -6.03 7.74 -7.00
N SER B 163 -4.95 7.26 -7.62
CA SER B 163 -4.11 6.21 -7.06
C SER B 163 -2.73 6.43 -7.67
N VAL B 164 -1.69 6.30 -6.83
CA VAL B 164 -0.30 6.51 -7.23
C VAL B 164 0.53 5.24 -7.01
N THR B 165 1.45 4.95 -7.92
CA THR B 165 2.31 3.79 -7.77
C THR B 165 3.45 4.08 -6.80
N GLU B 166 4.02 3.02 -6.25
CA GLU B 166 5.25 3.17 -5.49
C GLU B 166 6.31 3.65 -6.46
N GLN B 167 7.28 4.40 -5.95
CA GLN B 167 8.39 4.90 -6.75
C GLN B 167 9.10 3.74 -7.48
N ASP B 168 9.37 3.91 -8.76
CA ASP B 168 9.83 2.81 -9.61
C ASP B 168 11.26 2.33 -9.31
N SER B 169 11.48 1.01 -9.33
CA SER B 169 12.76 0.42 -8.93
C SER B 169 13.90 0.67 -9.91
N LYS B 170 13.56 1.12 -11.11
CA LYS B 170 14.56 1.42 -12.15
C LYS B 170 14.78 2.93 -12.34
N ASP B 171 13.74 3.65 -12.74
CA ASP B 171 13.93 5.06 -13.07
C ASP B 171 13.50 6.03 -11.96
N SER B 172 13.10 5.49 -10.82
CA SER B 172 12.69 6.31 -9.69
C SER B 172 11.55 7.32 -9.93
N THR B 173 10.66 7.07 -10.90
CA THR B 173 9.49 7.95 -11.11
C THR B 173 8.22 7.42 -10.45
N TYR B 174 7.15 8.18 -10.60
CA TYR B 174 5.82 7.76 -10.14
C TYR B 174 4.88 7.70 -11.33
N SER B 175 3.83 6.90 -11.23
CA SER B 175 2.71 7.02 -12.16
C SER B 175 1.45 7.23 -11.34
N LEU B 176 0.42 7.78 -11.97
CA LEU B 176 -0.81 8.09 -11.27
C LEU B 176 -1.98 7.86 -12.21
N SER B 177 -2.98 7.13 -11.70
CA SER B 177 -4.25 7.05 -12.41
C SER B 177 -5.31 7.84 -11.65
N SER B 178 -6.15 8.56 -12.38
CA SER B 178 -7.33 9.21 -11.80
C SER B 178 -8.53 8.69 -12.53
N THR B 179 -9.61 8.39 -11.80
CA THR B 179 -10.79 7.83 -12.42
C THR B 179 -11.99 8.69 -12.12
N LEU B 180 -12.66 9.14 -13.17
CA LEU B 180 -13.90 9.92 -13.04
C LEU B 180 -15.06 8.95 -13.23
N THR B 181 -15.96 8.90 -12.27
CA THR B 181 -17.07 7.98 -12.36
C THR B 181 -18.40 8.70 -12.57
N LEU B 182 -19.10 8.34 -13.64
CA LEU B 182 -20.43 8.89 -13.93
C LEU B 182 -21.44 7.77 -14.19
N SER B 183 -22.71 8.04 -13.89
CA SER B 183 -23.78 7.20 -14.40
C SER B 183 -23.75 7.29 -15.92
N LYS B 184 -24.20 6.24 -16.61
CA LYS B 184 -24.27 6.24 -18.07
C LYS B 184 -25.14 7.40 -18.61
N ALA B 185 -26.21 7.73 -17.92
CA ALA B 185 -27.09 8.82 -18.35
C ALA B 185 -26.37 10.16 -18.35
N ASP B 186 -25.69 10.46 -17.23
CA ASP B 186 -24.93 11.70 -17.14
C ASP B 186 -23.88 11.73 -18.23
N TYR B 187 -23.20 10.60 -18.40
CA TYR B 187 -22.11 10.53 -19.37
C TYR B 187 -22.62 10.82 -20.76
N GLU B 188 -23.81 10.32 -21.06
CA GLU B 188 -24.37 10.49 -22.39
C GLU B 188 -24.95 11.88 -22.59
N LYS B 189 -25.18 12.61 -21.50
CA LYS B 189 -25.61 14.02 -21.62
C LYS B 189 -24.49 15.02 -21.94
N HIS B 190 -23.28 14.57 -22.22
CA HIS B 190 -22.20 15.53 -22.53
C HIS B 190 -21.25 15.08 -23.64
N LYS B 191 -20.43 16.01 -24.12
CA LYS B 191 -19.64 15.71 -25.29
C LYS B 191 -18.16 15.57 -24.99
N VAL B 192 -17.58 16.63 -24.44
CA VAL B 192 -16.13 16.73 -24.31
C VAL B 192 -15.66 16.29 -22.93
N TYR B 193 -14.80 15.28 -22.91
CA TYR B 193 -14.27 14.79 -21.64
C TYR B 193 -12.79 15.09 -21.59
N ALA B 194 -12.37 15.79 -20.56
CA ALA B 194 -11.01 16.30 -20.52
C ALA B 194 -10.33 16.05 -19.19
N CYS B 195 -9.04 15.84 -19.28
CA CYS B 195 -8.18 15.66 -18.13
C CYS B 195 -7.09 16.74 -18.23
N GLU B 196 -7.00 17.60 -17.21
CA GLU B 196 -5.99 18.68 -17.16
C GLU B 196 -4.93 18.43 -16.10
N VAL B 197 -3.68 18.35 -16.53
CA VAL B 197 -2.59 17.99 -15.63
C VAL B 197 -1.65 19.15 -15.37
N THR B 198 -1.36 19.36 -14.10
CA THR B 198 -0.41 20.36 -13.68
C THR B 198 0.75 19.65 -12.98
N HIS B 199 1.97 19.84 -13.47
CA HIS B 199 3.13 19.26 -12.84
C HIS B 199 4.33 20.19 -12.98
N GLN B 200 5.29 20.02 -12.09
CA GLN B 200 6.47 20.88 -12.04
C GLN B 200 7.28 20.81 -13.33
N GLY B 201 7.29 19.65 -13.97
CA GLY B 201 8.02 19.48 -15.22
C GLY B 201 7.26 19.99 -16.42
N LEU B 202 6.05 20.52 -16.18
CA LEU B 202 5.27 21.15 -17.24
C LEU B 202 5.31 22.67 -17.10
N SER B 203 5.74 23.33 -18.18
CA SER B 203 5.76 24.79 -18.24
C SER B 203 4.34 25.31 -18.14
N SER B 204 3.43 24.66 -18.86
CA SER B 204 2.01 24.96 -18.76
C SER B 204 1.19 23.69 -18.63
N PRO B 205 0.01 23.79 -17.99
CA PRO B 205 -0.96 22.70 -17.90
C PRO B 205 -1.20 22.02 -19.24
N VAL B 206 -1.30 20.71 -19.22
CA VAL B 206 -1.57 19.90 -20.40
C VAL B 206 -2.96 19.29 -20.29
N THR B 207 -3.72 19.39 -21.36
CA THR B 207 -5.06 18.84 -21.40
C THR B 207 -5.15 17.74 -22.44
N LYS B 208 -5.58 16.54 -22.03
CA LYS B 208 -5.90 15.50 -22.99
C LYS B 208 -7.41 15.30 -22.94
N SER B 209 -8.05 15.25 -24.10
CA SER B 209 -9.50 15.13 -24.09
C SER B 209 -9.96 14.24 -25.21
N PHE B 210 -11.23 13.86 -25.15
CA PHE B 210 -11.86 13.20 -26.29
C PHE B 210 -13.30 13.67 -26.37
N ASN B 211 -13.90 13.43 -27.54
CA ASN B 211 -15.31 13.71 -27.76
C ASN B 211 -16.06 12.39 -27.80
N ARG B 212 -17.10 12.29 -26.97
CA ARG B 212 -17.88 11.07 -26.85
C ARG B 212 -18.48 10.65 -28.19
N GLY B 213 -18.30 9.37 -28.55
CA GLY B 213 -18.83 8.86 -29.80
C GLY B 213 -18.01 9.26 -31.01
N GLU B 214 -16.70 9.38 -30.80
CA GLU B 214 -15.75 9.61 -31.88
C GLU B 214 -14.52 8.74 -31.71
N CYS B 215 -14.24 7.94 -32.74
CA CYS B 215 -12.99 7.19 -32.90
C CYS B 215 -12.38 6.58 -31.64
#